data_8VC8
#
_entry.id   8VC8
#
_cell.length_a   37.987
_cell.length_b   39.622
_cell.length_c   119.239
_cell.angle_alpha   90.000
_cell.angle_beta   90.000
_cell.angle_gamma   90.000
#
_symmetry.space_group_name_H-M   'P 21 21 21'
#
loop_
_entity.id
_entity.type
_entity.pdbx_description
1 polymer HEM_3.C9
2 non-polymer 'SULFATE ION'
3 non-polymer 'PROTOPORPHYRIN IX CONTAINING FE'
4 water water
#
_entity_poly.entity_id   1
_entity_poly.type   'polypeptide(L)'
_entity_poly.pdbx_seq_one_letter_code
;MSGSIEELAKIAKKIAEELYPEILKEVGDEEFAEKLSRGLAIAGVALAVAGVPLEEIVKASPEQVKELEPLFEKAGRIEA
QIAQVLTGEPEEDLEKAAKAVAAGAYFGALVIAGVPFEEAAKEVAKFLEGLTPEEIARFAQRCPALVKAAPEILKRDSIT
PEEFAKLLIEHKEELLELGRLGLPYLLKAYKMAKELLGSGSHHW
;
_entity_poly.pdbx_strand_id   A
#
# COMPACT_ATOMS: atom_id res chain seq x y z
N GLY A 3 17.91 -5.21 -10.93
CA GLY A 3 18.06 -4.97 -9.51
C GLY A 3 18.10 -3.50 -9.11
N SER A 4 18.56 -2.65 -10.03
CA SER A 4 18.57 -1.21 -9.79
C SER A 4 17.16 -0.69 -9.61
N ILE A 5 17.02 0.40 -8.85
CA ILE A 5 15.68 0.95 -8.65
C ILE A 5 15.11 1.45 -9.97
N GLU A 6 15.93 2.12 -10.78
CA GLU A 6 15.47 2.54 -12.10
C GLU A 6 14.90 1.36 -12.91
N GLU A 7 15.52 0.18 -12.80
CA GLU A 7 14.99 -0.97 -13.54
C GLU A 7 13.66 -1.45 -12.97
N LEU A 8 13.51 -1.41 -11.66
CA LEU A 8 12.24 -1.81 -11.05
C LEU A 8 11.15 -0.82 -11.42
N ALA A 9 11.50 0.46 -11.52
CA ALA A 9 10.51 1.48 -11.87
C ALA A 9 10.03 1.29 -13.31
N LYS A 10 10.92 0.93 -14.22
CA LYS A 10 10.52 0.70 -15.61
C LYS A 10 9.55 -0.48 -15.68
N ILE A 11 9.84 -1.54 -14.93
CA ILE A 11 8.90 -2.66 -14.83
C ILE A 11 7.56 -2.22 -14.27
N ALA A 12 7.56 -1.49 -13.15
CA ALA A 12 6.29 -1.04 -12.57
C ALA A 12 5.53 -0.16 -13.55
N LYS A 13 6.24 0.70 -14.31
CA LYS A 13 5.52 1.56 -15.25
C LYS A 13 4.83 0.72 -16.34
N LYS A 14 5.50 -0.33 -16.83
CA LYS A 14 4.90 -1.19 -17.84
C LYS A 14 3.72 -1.93 -17.27
N ILE A 15 3.82 -2.37 -16.01
CA ILE A 15 2.70 -3.07 -15.40
C ILE A 15 1.52 -2.13 -15.20
N ALA A 16 1.82 -0.90 -14.81
CA ALA A 16 0.73 0.06 -14.61
C ALA A 16 -0.06 0.26 -15.91
N GLU A 17 0.62 0.18 -17.05
CA GLU A 17 -0.09 0.41 -18.31
C GLU A 17 -1.02 -0.74 -18.64
N GLU A 18 -0.75 -1.93 -18.12
CA GLU A 18 -1.65 -3.03 -18.33
C GLU A 18 -2.84 -2.99 -17.37
N LEU A 19 -2.66 -2.44 -16.17
CA LEU A 19 -3.78 -2.32 -15.22
C LEU A 19 -4.73 -1.20 -15.60
N TYR A 20 -4.18 -0.07 -16.05
CA TYR A 20 -4.99 1.13 -16.26
C TYR A 20 -6.27 0.93 -17.08
N PRO A 21 -6.27 0.31 -18.29
CA PRO A 21 -7.56 0.19 -19.02
C PRO A 21 -8.63 -0.56 -18.23
N GLU A 22 -8.26 -1.58 -17.48
CA GLU A 22 -9.28 -2.30 -16.72
C GLU A 22 -9.77 -1.48 -15.55
N ILE A 23 -8.87 -0.75 -14.88
CA ILE A 23 -9.31 0.06 -13.75
C ILE A 23 -10.24 1.16 -14.25
N LEU A 24 -9.97 1.67 -15.46
CA LEU A 24 -10.83 2.71 -16.00
C LEU A 24 -12.23 2.20 -16.29
N LYS A 25 -12.39 0.90 -16.48
CA LYS A 25 -13.73 0.43 -16.78
C LYS A 25 -14.64 0.60 -15.60
N GLU A 26 -14.08 0.70 -14.40
CA GLU A 26 -14.88 0.71 -13.19
C GLU A 26 -14.67 1.90 -12.26
N VAL A 27 -13.70 2.76 -12.49
CA VAL A 27 -13.42 3.90 -11.62
C VAL A 27 -13.68 5.13 -12.48
N GLY A 28 -14.73 5.89 -12.17
CA GLY A 28 -15.12 6.95 -13.08
C GLY A 28 -14.23 8.18 -13.02
N ASP A 29 -13.56 8.39 -11.88
CA ASP A 29 -12.56 9.45 -11.70
C ASP A 29 -11.27 8.98 -12.37
N GLU A 30 -10.98 9.45 -13.59
CA GLU A 30 -9.80 8.91 -14.29
C GLU A 30 -8.47 9.34 -13.64
N GLU A 31 -8.45 10.49 -12.94
CA GLU A 31 -7.27 10.85 -12.17
C GLU A 31 -6.99 9.84 -11.07
N PHE A 32 -8.03 9.42 -10.37
CA PHE A 32 -7.89 8.37 -9.36
C PHE A 32 -7.47 7.05 -10.00
N ALA A 33 -7.99 6.76 -11.20
CA ALA A 33 -7.64 5.53 -11.93
C ALA A 33 -6.15 5.49 -12.28
N GLU A 34 -5.60 6.61 -12.73
CA GLU A 34 -4.17 6.68 -13.04
C GLU A 34 -3.34 6.41 -11.80
N LYS A 35 -3.70 7.06 -10.67
CA LYS A 35 -2.96 6.85 -9.43
C LYS A 35 -3.06 5.40 -8.96
N LEU A 36 -4.27 4.83 -8.95
CA LEU A 36 -4.41 3.42 -8.56
C LEU A 36 -3.55 2.49 -9.41
N SER A 37 -3.54 2.71 -10.73
CA SER A 37 -2.78 1.82 -11.59
C SER A 37 -1.26 1.92 -11.29
N ARG A 38 -0.73 3.12 -11.04
CA ARG A 38 0.70 3.22 -10.69
C ARG A 38 0.98 2.60 -9.31
N GLY A 39 0.15 2.94 -8.31
CA GLY A 39 0.41 2.47 -6.95
C GLY A 39 0.29 0.95 -6.85
N LEU A 40 -0.72 0.37 -7.50
CA LEU A 40 -0.87 -1.10 -7.44
C LEU A 40 0.27 -1.82 -8.17
N ALA A 41 0.71 -1.26 -9.30
CA ALA A 41 1.90 -1.77 -9.99
C ALA A 41 3.16 -1.69 -9.12
N ILE A 42 3.42 -0.51 -8.53
CA ILE A 42 4.61 -0.35 -7.69
C ILE A 42 4.55 -1.36 -6.53
N ALA A 43 3.36 -1.52 -5.94
CA ALA A 43 3.30 -2.45 -4.81
C ALA A 43 3.51 -3.89 -5.26
N GLY A 44 2.97 -4.24 -6.42
CA GLY A 44 3.16 -5.59 -6.94
C GLY A 44 4.63 -5.88 -7.15
N VAL A 45 5.37 -4.94 -7.74
CA VAL A 45 6.80 -5.14 -7.93
C VAL A 45 7.52 -5.23 -6.58
N ALA A 46 7.20 -4.29 -5.67
CA ALA A 46 7.88 -4.24 -4.38
C ALA A 46 7.62 -5.51 -3.59
N LEU A 47 6.38 -6.01 -3.62
CA LEU A 47 6.11 -7.25 -2.89
C LEU A 47 6.87 -8.42 -3.49
N ALA A 48 6.92 -8.48 -4.83
CA ALA A 48 7.64 -9.58 -5.46
C ALA A 48 9.12 -9.51 -5.15
N VAL A 49 9.72 -8.32 -5.30
CA VAL A 49 11.17 -8.33 -5.11
C VAL A 49 11.57 -8.34 -3.63
N ALA A 50 10.63 -8.07 -2.72
CA ALA A 50 10.90 -8.18 -1.29
C ALA A 50 10.68 -9.58 -0.78
N GLY A 51 10.04 -10.41 -1.57
CA GLY A 51 9.83 -11.79 -1.17
C GLY A 51 8.56 -12.00 -0.39
N VAL A 52 7.62 -11.06 -0.43
CA VAL A 52 6.32 -11.35 0.20
C VAL A 52 5.57 -12.33 -0.71
N PRO A 53 5.22 -13.57 -0.22
CA PRO A 53 4.53 -14.58 -1.04
C PRO A 53 3.04 -14.29 -1.16
N LEU A 54 2.66 -13.39 -2.07
CA LEU A 54 1.30 -12.84 -2.01
C LEU A 54 0.28 -13.91 -2.34
N GLU A 55 0.62 -14.88 -3.17
CA GLU A 55 -0.33 -15.94 -3.48
C GLU A 55 -0.56 -16.81 -2.25
N GLU A 56 0.42 -16.91 -1.37
CA GLU A 56 0.19 -17.62 -0.12
C GLU A 56 -0.51 -16.74 0.91
N ILE A 57 -0.20 -15.43 0.96
CA ILE A 57 -0.86 -14.52 1.91
C ILE A 57 -2.39 -14.62 1.79
N VAL A 58 -2.95 -14.63 0.57
CA VAL A 58 -4.40 -14.63 0.42
C VAL A 58 -5.02 -15.92 0.92
N LYS A 59 -4.21 -16.95 1.16
CA LYS A 59 -4.67 -18.22 1.75
C LYS A 59 -4.25 -18.39 3.22
N ALA A 60 -3.51 -17.45 3.79
CA ALA A 60 -2.77 -17.68 5.03
C ALA A 60 -3.63 -17.45 6.28
N SER A 61 -3.19 -18.03 7.37
CA SER A 61 -3.74 -17.70 8.68
C SER A 61 -3.12 -16.40 9.21
N PRO A 62 -3.73 -15.79 10.21
CA PRO A 62 -3.11 -14.58 10.78
C PRO A 62 -1.72 -14.85 11.31
N GLU A 63 -1.50 -16.00 11.95
CA GLU A 63 -0.17 -16.24 12.52
C GLU A 63 0.85 -16.38 11.39
N GLN A 64 0.43 -16.89 10.22
CA GLN A 64 1.36 -16.98 9.11
C GLN A 64 1.67 -15.58 8.56
N VAL A 65 0.65 -14.71 8.47
CA VAL A 65 0.93 -13.35 8.04
C VAL A 65 1.89 -12.66 9.01
N LYS A 66 1.70 -12.86 10.31
CA LYS A 66 2.58 -12.18 11.29
C LYS A 66 4.02 -12.68 11.20
N GLU A 67 4.25 -13.96 10.89
CA GLU A 67 5.62 -14.42 10.67
C GLU A 67 6.31 -13.64 9.54
N LEU A 68 5.56 -13.14 8.55
CA LEU A 68 6.09 -12.43 7.39
C LEU A 68 6.20 -10.92 7.59
N GLU A 69 5.95 -10.44 8.79
CA GLU A 69 5.95 -9.00 9.01
C GLU A 69 7.25 -8.32 8.58
N PRO A 70 8.44 -8.86 8.78
CA PRO A 70 9.65 -8.13 8.34
C PRO A 70 9.72 -7.98 6.82
N LEU A 71 9.08 -8.85 6.05
CA LEU A 71 9.15 -8.71 4.59
C LEU A 71 8.27 -7.57 4.10
N PHE A 72 7.14 -7.33 4.77
CA PHE A 72 6.32 -6.15 4.50
C PHE A 72 7.11 -4.85 4.71
N GLU A 73 7.97 -4.78 5.73
CA GLU A 73 8.74 -3.55 5.96
C GLU A 73 9.75 -3.32 4.84
N LYS A 74 10.40 -4.40 4.41
CA LYS A 74 11.29 -4.35 3.23
C LYS A 74 10.51 -3.91 1.98
N ALA A 75 9.32 -4.46 1.77
CA ALA A 75 8.50 -4.03 0.65
C ALA A 75 8.21 -2.54 0.70
N GLY A 76 7.99 -1.98 1.89
CA GLY A 76 7.67 -0.57 1.99
C GLY A 76 8.84 0.29 1.57
N ARG A 77 10.05 -0.15 1.90
CA ARG A 77 11.21 0.64 1.52
C ARG A 77 11.40 0.64 0.01
N ILE A 78 11.18 -0.51 -0.63
CA ILE A 78 11.27 -0.61 -2.07
C ILE A 78 10.14 0.23 -2.73
N GLU A 79 8.92 0.22 -2.18
CA GLU A 79 7.82 1.03 -2.71
C GLU A 79 8.23 2.48 -2.75
N ALA A 80 8.79 2.96 -1.66
CA ALA A 80 9.05 4.39 -1.58
C ALA A 80 10.20 4.78 -2.51
N GLN A 81 11.17 3.88 -2.70
CA GLN A 81 12.30 4.18 -3.60
C GLN A 81 11.84 4.19 -5.06
N ILE A 82 10.95 3.26 -5.42
CA ILE A 82 10.41 3.25 -6.78
C ILE A 82 9.57 4.49 -7.01
N ALA A 83 8.75 4.85 -6.01
CA ALA A 83 7.86 6.01 -6.13
C ALA A 83 8.64 7.29 -6.37
N GLN A 84 9.84 7.41 -5.80
CA GLN A 84 10.66 8.59 -6.07
C GLN A 84 10.99 8.72 -7.55
N VAL A 85 11.28 7.61 -8.21
CA VAL A 85 11.64 7.67 -9.62
C VAL A 85 10.42 8.01 -10.44
N LEU A 86 9.30 7.31 -10.17
CA LEU A 86 8.12 7.44 -11.03
C LEU A 86 7.39 8.77 -10.81
N THR A 87 7.42 9.31 -9.59
CA THR A 87 6.73 10.55 -9.27
C THR A 87 7.63 11.70 -8.83
N GLY A 88 8.83 11.44 -8.32
CA GLY A 88 9.65 12.47 -7.71
C GLY A 88 9.27 12.89 -6.28
N GLU A 89 7.97 12.97 -5.97
CA GLU A 89 7.53 13.64 -4.74
C GLU A 89 8.12 13.07 -3.46
N PRO A 90 8.18 11.74 -3.22
CA PRO A 90 8.70 11.24 -1.93
C PRO A 90 10.19 11.46 -1.77
N GLU A 91 10.67 12.69 -1.90
CA GLU A 91 12.08 13.01 -1.69
C GLU A 91 12.17 13.72 -0.34
N GLU A 92 12.55 12.96 0.69
CA GLU A 92 12.46 13.40 2.08
C GLU A 92 13.12 12.36 2.97
N ASP A 93 12.51 12.06 4.12
CA ASP A 93 12.99 10.96 4.95
C ASP A 93 12.40 9.68 4.39
N LEU A 94 13.23 8.93 3.68
CA LEU A 94 12.77 7.71 3.01
C LEU A 94 12.36 6.65 4.02
N GLU A 95 13.13 6.50 5.10
CA GLU A 95 12.86 5.46 6.08
C GLU A 95 11.54 5.71 6.79
N LYS A 96 11.15 6.96 6.95
CA LYS A 96 9.86 7.22 7.57
C LYS A 96 8.73 6.95 6.59
N ALA A 97 8.89 7.43 5.36
CA ALA A 97 7.88 7.16 4.33
C ALA A 97 7.71 5.67 4.14
N ALA A 98 8.81 4.90 4.26
CA ALA A 98 8.75 3.45 4.03
C ALA A 98 7.92 2.76 5.10
N LYS A 99 8.05 3.22 6.35
CA LYS A 99 7.32 2.62 7.46
C LYS A 99 5.81 2.85 7.28
N ALA A 100 5.45 4.04 6.78
CA ALA A 100 4.05 4.35 6.58
C ALA A 100 3.43 3.48 5.50
N VAL A 101 4.06 3.42 4.32
CA VAL A 101 3.49 2.64 3.21
C VAL A 101 3.52 1.17 3.55
N ALA A 102 4.57 0.70 4.22
CA ALA A 102 4.58 -0.68 4.69
C ALA A 102 3.30 -1.00 5.45
N ALA A 103 2.82 -0.09 6.30
CA ALA A 103 1.60 -0.33 7.08
C ALA A 103 0.41 -0.67 6.19
N GLY A 104 0.29 -0.04 5.03
CA GLY A 104 -0.77 -0.35 4.10
C GLY A 104 -0.93 -1.81 3.71
N ALA A 105 0.13 -2.43 3.16
CA ALA A 105 -0.06 -3.79 2.66
C ALA A 105 -0.16 -4.77 3.82
N TYR A 106 0.49 -4.45 4.92
CA TYR A 106 0.43 -5.30 6.11
C TYR A 106 -0.96 -5.28 6.76
N PHE A 107 -1.59 -4.10 6.85
CA PHE A 107 -3.01 -4.03 7.25
C PHE A 107 -3.89 -4.89 6.36
N GLY A 108 -3.77 -4.69 5.06
CA GLY A 108 -4.55 -5.50 4.14
C GLY A 108 -4.27 -6.97 4.31
N ALA A 109 -3.00 -7.34 4.57
CA ALA A 109 -2.67 -8.76 4.73
C ALA A 109 -3.33 -9.35 5.98
N LEU A 110 -3.32 -8.60 7.08
CA LEU A 110 -4.02 -9.04 8.29
C LEU A 110 -5.53 -9.15 8.03
N VAL A 111 -6.11 -8.15 7.38
CA VAL A 111 -7.56 -8.22 7.07
C VAL A 111 -7.86 -9.43 6.18
N ILE A 112 -7.07 -9.62 5.11
CA ILE A 112 -7.30 -10.76 4.21
C ILE A 112 -7.26 -12.08 4.97
N ALA A 113 -6.35 -12.18 5.92
CA ALA A 113 -6.16 -13.39 6.69
C ALA A 113 -7.31 -13.65 7.67
N GLY A 114 -8.19 -12.67 7.91
CA GLY A 114 -9.30 -12.88 8.84
C GLY A 114 -9.13 -12.20 10.19
N VAL A 115 -8.05 -11.46 10.42
CA VAL A 115 -8.00 -10.65 11.63
C VAL A 115 -9.15 -9.65 11.59
N PRO A 116 -9.97 -9.56 12.63
CA PRO A 116 -11.07 -8.59 12.65
C PRO A 116 -10.57 -7.20 12.37
N PHE A 117 -11.40 -6.43 11.66
CA PHE A 117 -10.92 -5.15 11.14
C PHE A 117 -10.40 -4.24 12.26
N GLU A 118 -11.10 -4.18 13.40
CA GLU A 118 -10.69 -3.26 14.47
C GLU A 118 -9.35 -3.66 15.07
N GLU A 119 -9.13 -4.97 15.30
CA GLU A 119 -7.82 -5.46 15.76
C GLU A 119 -6.71 -5.20 14.72
N ALA A 120 -6.99 -5.44 13.44
CA ALA A 120 -5.98 -5.14 12.43
C ALA A 120 -5.60 -3.67 12.47
N ALA A 121 -6.59 -2.81 12.70
CA ALA A 121 -6.39 -1.36 12.81
C ALA A 121 -5.45 -1.01 13.97
N LYS A 122 -5.64 -1.66 15.12
CA LYS A 122 -4.74 -1.46 16.24
C LYS A 122 -3.33 -1.95 15.92
N GLU A 123 -3.20 -3.08 15.21
CA GLU A 123 -1.88 -3.54 14.78
C GLU A 123 -1.19 -2.50 13.90
N VAL A 124 -1.94 -1.80 13.06
CA VAL A 124 -1.37 -0.66 12.31
C VAL A 124 -0.92 0.45 13.26
N ALA A 125 -1.72 0.77 14.27
CA ALA A 125 -1.29 1.79 15.23
C ALA A 125 0.07 1.43 15.82
N LYS A 126 0.25 0.13 16.12
CA LYS A 126 1.52 -0.37 16.65
C LYS A 126 2.64 -0.17 15.63
N PHE A 127 2.37 -0.49 14.38
CA PHE A 127 3.36 -0.41 13.32
C PHE A 127 3.90 1.01 13.11
N LEU A 128 3.08 2.05 13.37
CA LEU A 128 3.45 3.45 13.11
C LEU A 128 4.19 4.11 14.29
N GLU A 129 4.21 3.47 15.46
CA GLU A 129 4.87 4.06 16.61
C GLU A 129 6.31 4.49 16.28
N GLY A 130 6.67 5.71 16.68
CA GLY A 130 7.96 6.30 16.41
C GLY A 130 7.88 7.47 15.46
N LEU A 131 6.92 7.46 14.54
CA LEU A 131 6.59 8.65 13.78
C LEU A 131 5.86 9.65 14.68
N THR A 132 6.11 10.94 14.44
CA THR A 132 5.36 11.99 15.13
C THR A 132 3.94 12.04 14.57
N PRO A 133 2.97 12.51 15.35
CA PRO A 133 1.61 12.70 14.79
C PRO A 133 1.59 13.60 13.57
N GLU A 134 2.52 14.56 13.49
CA GLU A 134 2.60 15.42 12.31
C GLU A 134 3.09 14.66 11.06
N GLU A 135 4.10 13.79 11.22
CA GLU A 135 4.56 12.96 10.10
C GLU A 135 3.46 12.01 9.64
N ILE A 136 2.74 11.44 10.60
CA ILE A 136 1.65 10.54 10.23
C ILE A 136 0.63 11.27 9.37
N ALA A 137 0.21 12.47 9.80
CA ALA A 137 -0.74 13.31 9.06
C ALA A 137 -0.23 13.59 7.64
N ARG A 138 1.07 13.88 7.50
CA ARG A 138 1.59 14.23 6.19
C ARG A 138 1.64 13.02 5.25
N PHE A 139 1.96 11.82 5.77
CA PHE A 139 1.99 10.65 4.88
C PHE A 139 0.59 10.19 4.53
N ALA A 140 -0.34 10.23 5.50
CA ALA A 140 -1.71 9.83 5.19
C ALA A 140 -2.27 10.70 4.09
N GLN A 141 -1.90 11.98 4.07
CA GLN A 141 -2.39 12.88 3.03
C GLN A 141 -1.86 12.55 1.64
N ARG A 142 -0.79 11.76 1.53
CA ARG A 142 -0.27 11.32 0.23
C ARG A 142 -0.96 10.09 -0.33
N CYS A 143 -1.82 9.41 0.43
CA CYS A 143 -2.53 8.25 -0.09
C CYS A 143 -3.87 8.67 -0.69
N PRO A 144 -4.11 8.45 -1.99
CA PRO A 144 -5.42 8.82 -2.56
C PRO A 144 -6.55 7.93 -2.12
N ALA A 145 -6.28 6.70 -1.66
CA ALA A 145 -7.37 5.90 -1.12
C ALA A 145 -7.78 6.39 0.25
N LEU A 146 -6.82 6.65 1.16
CA LEU A 146 -7.20 7.24 2.45
C LEU A 146 -7.91 8.59 2.28
N VAL A 147 -7.42 9.46 1.38
CA VAL A 147 -8.11 10.75 1.20
C VAL A 147 -9.50 10.56 0.62
N LYS A 148 -9.65 9.61 -0.31
CA LYS A 148 -10.97 9.37 -0.89
C LYS A 148 -11.94 8.85 0.16
N ALA A 149 -11.50 7.92 1.01
CA ALA A 149 -12.40 7.40 2.05
C ALA A 149 -12.59 8.38 3.22
N ALA A 150 -11.58 9.19 3.54
CA ALA A 150 -11.60 10.03 4.75
C ALA A 150 -11.06 11.40 4.43
N PRO A 151 -11.80 12.22 3.66
CA PRO A 151 -11.25 13.50 3.23
C PRO A 151 -10.96 14.45 4.37
N GLU A 152 -11.45 14.21 5.60
CA GLU A 152 -11.05 15.05 6.72
C GLU A 152 -9.53 14.99 6.98
N ILE A 153 -8.83 13.97 6.45
CA ILE A 153 -7.37 13.90 6.56
C ILE A 153 -6.78 15.17 6.00
N LEU A 154 -7.44 15.74 4.99
CA LEU A 154 -6.89 16.93 4.32
C LEU A 154 -6.69 18.09 5.26
N LYS A 155 -7.46 18.19 6.37
CA LYS A 155 -7.27 19.29 7.31
C LYS A 155 -6.84 18.83 8.71
N ARG A 156 -6.25 17.63 8.82
CA ARG A 156 -5.62 17.22 10.07
C ARG A 156 -4.15 17.60 10.01
N ASP A 157 -3.68 18.34 11.02
CA ASP A 157 -2.24 18.58 11.16
C ASP A 157 -1.54 17.50 11.97
N SER A 158 -2.29 16.71 12.73
CA SER A 158 -1.71 15.85 13.75
C SER A 158 -2.61 14.63 13.85
N ILE A 159 -2.05 13.44 13.58
CA ILE A 159 -2.79 12.20 13.75
C ILE A 159 -1.87 11.25 14.51
N THR A 160 -2.23 10.91 15.74
CA THR A 160 -1.48 9.93 16.49
C THR A 160 -1.73 8.55 15.93
N PRO A 161 -0.86 7.57 16.26
CA PRO A 161 -1.15 6.20 15.84
C PRO A 161 -2.55 5.71 16.24
N GLU A 162 -2.98 6.01 17.47
CA GLU A 162 -4.31 5.59 17.91
C GLU A 162 -5.39 6.29 17.11
N GLU A 163 -5.21 7.58 16.83
CA GLU A 163 -6.21 8.30 16.06
C GLU A 163 -6.22 7.83 14.61
N PHE A 164 -5.08 7.38 14.10
CA PHE A 164 -5.06 6.83 12.75
C PHE A 164 -5.89 5.55 12.70
N ALA A 165 -5.70 4.67 13.69
CA ALA A 165 -6.52 3.44 13.76
C ALA A 165 -8.02 3.78 13.84
N LYS A 166 -8.37 4.80 14.64
CA LYS A 166 -9.77 5.25 14.74
C LYS A 166 -10.32 5.75 13.41
N LEU A 167 -9.50 6.42 12.59
CA LEU A 167 -9.92 6.85 11.23
C LEU A 167 -10.24 5.65 10.33
N LEU A 168 -9.38 4.62 10.34
CA LEU A 168 -9.62 3.40 9.57
C LEU A 168 -10.94 2.77 9.97
N ILE A 169 -11.20 2.66 11.27
CA ILE A 169 -12.44 2.04 11.77
C ILE A 169 -13.65 2.86 11.38
N GLU A 170 -13.58 4.18 11.53
CA GLU A 170 -14.69 5.03 11.17
C GLU A 170 -15.07 4.92 9.69
N HIS A 171 -14.10 4.61 8.82
CA HIS A 171 -14.35 4.49 7.38
C HIS A 171 -14.17 3.05 6.87
N LYS A 172 -14.42 2.08 7.74
CA LYS A 172 -14.24 0.67 7.43
C LYS A 172 -14.88 0.27 6.10
N GLU A 173 -16.16 0.63 5.91
CA GLU A 173 -16.86 0.13 4.72
C GLU A 173 -16.23 0.69 3.43
N GLU A 174 -15.91 1.98 3.44
CA GLU A 174 -15.27 2.56 2.25
C GLU A 174 -13.91 1.94 1.99
N LEU A 175 -13.11 1.73 3.04
CA LEU A 175 -11.78 1.17 2.87
C LEU A 175 -11.84 -0.29 2.44
N LEU A 176 -12.81 -1.06 2.97
CA LEU A 176 -13.02 -2.43 2.46
C LEU A 176 -13.37 -2.43 0.95
N GLU A 177 -14.21 -1.48 0.52
CA GLU A 177 -14.58 -1.43 -0.90
C GLU A 177 -13.38 -1.10 -1.81
N LEU A 178 -12.53 -0.14 -1.39
CA LEU A 178 -11.32 0.16 -2.16
C LEU A 178 -10.33 -1.00 -2.15
N GLY A 179 -10.12 -1.64 -0.99
CA GLY A 179 -9.25 -2.79 -0.97
C GLY A 179 -9.78 -3.94 -1.83
N ARG A 180 -11.10 -4.17 -1.83
CA ARG A 180 -11.66 -5.18 -2.72
C ARG A 180 -11.50 -4.80 -4.20
N LEU A 181 -11.61 -3.51 -4.52
CA LEU A 181 -11.38 -3.12 -5.91
C LEU A 181 -9.92 -3.38 -6.30
N GLY A 182 -8.98 -3.04 -5.41
CA GLY A 182 -7.57 -3.14 -5.74
C GLY A 182 -6.99 -4.53 -5.72
N LEU A 183 -7.54 -5.44 -4.91
CA LEU A 183 -6.92 -6.74 -4.75
C LEU A 183 -6.69 -7.51 -6.05
N PRO A 184 -7.65 -7.64 -6.98
CA PRO A 184 -7.33 -8.40 -8.20
C PRO A 184 -6.21 -7.78 -9.01
N TYR A 185 -6.14 -6.43 -9.05
CA TYR A 185 -5.07 -5.76 -9.80
C TYR A 185 -3.70 -5.90 -9.10
N LEU A 186 -3.67 -5.90 -7.76
CA LEU A 186 -2.44 -6.15 -7.02
C LEU A 186 -1.88 -7.53 -7.31
N LEU A 187 -2.76 -8.53 -7.31
CA LEU A 187 -2.34 -9.89 -7.62
C LEU A 187 -1.83 -10.01 -9.04
N LYS A 188 -2.52 -9.39 -9.98
CA LYS A 188 -2.05 -9.42 -11.36
C LYS A 188 -0.69 -8.77 -11.50
N ALA A 189 -0.50 -7.64 -10.80
CA ALA A 189 0.80 -6.93 -10.88
C ALA A 189 1.91 -7.75 -10.26
N TYR A 190 1.63 -8.39 -9.13
CA TYR A 190 2.63 -9.24 -8.47
C TYR A 190 3.07 -10.38 -9.39
N LYS A 191 2.11 -11.04 -10.07
CA LYS A 191 2.43 -12.14 -10.99
C LYS A 191 3.25 -11.66 -12.19
N MET A 192 2.89 -10.50 -12.75
CA MET A 192 3.65 -9.97 -13.89
C MET A 192 5.05 -9.56 -13.45
N ALA A 193 5.17 -8.94 -12.28
CA ALA A 193 6.48 -8.59 -11.74
C ALA A 193 7.35 -9.84 -11.59
N LYS A 194 6.81 -10.90 -10.98
CA LYS A 194 7.59 -12.11 -10.79
C LYS A 194 8.11 -12.64 -12.11
N GLU A 195 7.27 -12.59 -13.16
CA GLU A 195 7.72 -13.05 -14.46
C GLU A 195 8.81 -12.14 -14.99
N LEU A 196 8.56 -10.83 -14.97
CA LEU A 196 9.50 -9.90 -15.60
C LEU A 196 10.84 -9.87 -14.85
N LEU A 197 10.78 -9.93 -13.52
CA LEU A 197 11.99 -9.93 -12.71
C LEU A 197 12.79 -11.19 -12.96
N GLY A 198 12.11 -12.31 -13.17
CA GLY A 198 12.81 -13.56 -13.33
C GLY A 198 13.34 -13.84 -14.71
N SER A 199 13.11 -12.94 -15.66
CA SER A 199 13.63 -13.15 -17.01
C SER A 199 15.13 -12.96 -17.03
#